data_3NL0
#
_entry.id   3NL0
#
_cell.length_a   93.713
_cell.length_b   93.713
_cell.length_c   99.723
_cell.angle_alpha   90.00
_cell.angle_beta   90.00
_cell.angle_gamma   120.00
#
_symmetry.space_group_name_H-M   'P 32 2 1'
#
loop_
_entity.id
_entity.type
_entity.pdbx_description
1 polymer '3D polymerase'
2 polymer "5'-R(P*UP*GP*GP*GP*CP*CP*C)-3'"
3 polymer "5'-R(*G*GP*GP*CP*CP*C)-3'"
4 non-polymer 'MAGNESIUM ION'
5 water water
#
loop_
_entity_poly.entity_id
_entity_poly.type
_entity_poly.pdbx_seq_one_letter_code
_entity_poly.pdbx_strand_id
1 'polypeptide(L)'
;GLIVDTRDVEERVHVMRKTKLAPTVAHGVFNPEFGPAALSNKDSRLNEGVVLDEVIFSKHKGDTKMSAEDKALFRRCAAD
YASRLHSVLGTANAPLSIYEAIKGVDGLDAMEPDTAPGLPWALQGKRRGALIDFENGTVGPEVEAALKLMEKREYKFACQ
TFLKDEIRPMEKVRAGKTRIVDVLPVEHILYTRMMIGRFCAQMHSNNGPQIGSAVGCNPDVDWQRFGTHFAQYRNVWDVD
YSAFDANHCSDAMNIMFEEVFRTEFGFHPNAEWILKTLVNTEHAYENKRITVEGGIPSGCSATSIINTILNNIYVLYALR
RHYEGVELDTYTMISYGDDIVVASDYDLDFEALKPHFKSLGQTITPADKSDKGFVLGHSITDVTFLKRHFHMDYGTGFYK
PVMASKTLEAILSFARRGTIQEKLISVAGLAVHSGPDEYRRLFEPFQGLFEIPSYRSLYLRWVNAVCGDAAALAH
;
A
2 'polyribonucleotide' UGGGCCC B
3 'polyribonucleotide' GGGCCC C
#
loop_
_chem_comp.id
_chem_comp.type
_chem_comp.name
_chem_comp.formula
C RNA linking CYTIDINE-5'-MONOPHOSPHATE 'C9 H14 N3 O8 P'
G RNA linking GUANOSINE-5'-MONOPHOSPHATE 'C10 H14 N5 O8 P'
MG non-polymer 'MAGNESIUM ION' 'Mg 2'
U RNA linking URIDINE-5'-MONOPHOSPHATE 'C9 H13 N2 O9 P'
#
# COMPACT_ATOMS: atom_id res chain seq x y z
N GLY A 1 -3.33 9.12 -13.55
CA GLY A 1 -2.73 9.31 -14.90
C GLY A 1 -3.61 10.14 -15.82
N LEU A 2 -3.39 9.99 -17.13
CA LEU A 2 -4.17 10.70 -18.12
C LEU A 2 -5.02 9.73 -18.94
N ILE A 3 -6.32 10.01 -18.99
CA ILE A 3 -7.25 9.23 -19.80
C ILE A 3 -7.16 9.71 -21.25
N VAL A 4 -6.65 8.85 -22.12
CA VAL A 4 -6.44 9.20 -23.53
C VAL A 4 -7.58 8.76 -24.45
N ASP A 5 -8.21 7.63 -24.12
CA ASP A 5 -9.30 7.08 -24.93
C ASP A 5 -10.32 6.33 -24.08
N THR A 6 -11.61 6.53 -24.39
CA THR A 6 -12.70 5.86 -23.71
C THR A 6 -13.55 5.11 -24.73
N ARG A 7 -13.25 3.83 -24.91
CA ARG A 7 -13.96 2.96 -25.84
C ARG A 7 -15.22 2.36 -25.21
N ASP A 8 -16.26 2.20 -26.02
CA ASP A 8 -17.47 1.50 -25.60
C ASP A 8 -17.56 0.18 -26.36
N VAL A 9 -17.38 -0.92 -25.64
CA VAL A 9 -17.41 -2.26 -26.24
C VAL A 9 -18.64 -3.04 -25.77
N GLU A 10 -19.09 -4.00 -26.58
CA GLU A 10 -20.29 -4.79 -26.30
C GLU A 10 -20.12 -5.74 -25.10
N GLU A 11 -18.91 -6.28 -24.94
CA GLU A 11 -18.61 -7.19 -23.83
C GLU A 11 -18.55 -6.42 -22.51
N ARG A 12 -19.51 -6.70 -21.63
CA ARG A 12 -19.62 -6.03 -20.34
C ARG A 12 -18.96 -6.85 -19.22
N VAL A 13 -18.12 -6.19 -18.43
CA VAL A 13 -17.46 -6.82 -17.29
C VAL A 13 -18.13 -6.40 -15.98
N HIS A 14 -18.90 -7.33 -15.41
CA HIS A 14 -19.66 -7.06 -14.17
C HIS A 14 -18.76 -6.78 -12.98
N VAL A 15 -19.20 -5.83 -12.14
CA VAL A 15 -18.49 -5.48 -10.91
C VAL A 15 -19.35 -5.83 -9.69
N MET A 16 -18.68 -6.11 -8.57
CA MET A 16 -19.35 -6.53 -7.33
C MET A 16 -20.22 -5.43 -6.72
N ARG A 17 -21.52 -5.49 -7.03
CA ARG A 17 -22.51 -4.62 -6.40
C ARG A 17 -23.04 -5.25 -5.12
N LYS A 18 -23.58 -4.42 -4.22
CA LYS A 18 -24.07 -4.85 -2.90
C LYS A 18 -22.93 -5.26 -1.97
N THR A 19 -22.86 -4.60 -0.81
CA THR A 19 -21.80 -4.85 0.16
C THR A 19 -21.95 -6.19 0.87
N LYS A 20 -20.83 -6.81 1.19
CA LYS A 20 -20.80 -8.04 1.98
C LYS A 20 -20.56 -7.72 3.45
N LEU A 21 -20.30 -6.45 3.74
CA LEU A 21 -20.12 -5.98 5.11
C LEU A 21 -21.45 -5.66 5.77
N ALA A 22 -21.75 -6.38 6.85
CA ALA A 22 -22.98 -6.20 7.59
C ALA A 22 -22.73 -5.52 8.94
N PRO A 23 -23.68 -4.66 9.38
CA PRO A 23 -23.54 -4.04 10.71
C PRO A 23 -23.53 -5.07 11.84
N THR A 24 -22.74 -4.81 12.88
CA THR A 24 -22.68 -5.67 14.06
C THR A 24 -23.41 -5.02 15.23
N VAL A 25 -23.55 -5.76 16.33
CA VAL A 25 -24.20 -5.26 17.55
C VAL A 25 -23.55 -3.95 18.06
N ALA A 26 -22.25 -3.78 17.78
CA ALA A 26 -21.50 -2.61 18.23
C ALA A 26 -21.89 -1.34 17.48
N HIS A 27 -22.42 -1.50 16.27
CA HIS A 27 -22.81 -0.35 15.45
C HIS A 27 -23.89 0.47 16.14
N GLY A 28 -24.83 -0.21 16.78
CA GLY A 28 -25.91 0.44 17.52
C GLY A 28 -25.43 1.15 18.77
N VAL A 29 -24.28 0.73 19.28
CA VAL A 29 -23.70 1.32 20.49
C VAL A 29 -22.79 2.50 20.16
N PHE A 30 -21.90 2.30 19.19
CA PHE A 30 -20.91 3.32 18.83
C PHE A 30 -21.40 4.35 17.82
N ASN A 31 -22.30 3.94 16.92
CA ASN A 31 -22.80 4.79 15.82
C ASN A 31 -21.71 5.62 15.13
N PRO A 32 -20.79 4.95 14.42
CA PRO A 32 -19.63 5.64 13.85
C PRO A 32 -19.98 6.41 12.58
N GLU A 33 -19.24 7.49 12.31
CA GLU A 33 -19.37 8.23 11.06
C GLU A 33 -18.72 7.47 9.89
N PHE A 34 -18.86 6.15 9.94
CA PHE A 34 -18.27 5.26 8.95
C PHE A 34 -19.31 4.28 8.41
N GLY A 35 -19.12 3.86 7.16
CA GLY A 35 -20.01 2.90 6.53
C GLY A 35 -19.35 2.26 5.32
N PRO A 36 -19.95 1.17 4.80
CA PRO A 36 -19.42 0.49 3.63
C PRO A 36 -19.45 1.42 2.42
N ALA A 37 -18.42 1.32 1.58
CA ALA A 37 -18.33 2.15 0.38
C ALA A 37 -19.53 1.90 -0.55
N ALA A 38 -19.91 2.94 -1.29
CA ALA A 38 -20.99 2.83 -2.26
C ALA A 38 -20.57 1.95 -3.43
N LEU A 39 -21.41 0.97 -3.76
CA LEU A 39 -21.09 0.01 -4.82
C LEU A 39 -22.06 0.05 -5.99
N SER A 40 -23.21 0.70 -5.79
CA SER A 40 -24.23 0.84 -6.82
C SER A 40 -24.43 2.30 -7.21
N ASN A 41 -24.66 2.53 -8.51
CA ASN A 41 -24.89 3.86 -9.06
C ASN A 41 -26.03 4.60 -8.39
N LYS A 42 -27.09 3.87 -8.06
CA LYS A 42 -28.26 4.42 -7.39
C LYS A 42 -28.37 3.92 -5.94
N ASP A 43 -27.32 4.14 -5.17
CA ASP A 43 -27.30 3.78 -3.75
C ASP A 43 -28.04 4.86 -2.95
N SER A 44 -28.89 4.43 -2.03
CA SER A 44 -29.80 5.32 -1.29
C SER A 44 -29.07 6.35 -0.41
N ARG A 45 -27.83 6.04 -0.05
CA ARG A 45 -27.05 6.91 0.84
C ARG A 45 -26.21 7.95 0.10
N LEU A 46 -26.16 7.83 -1.22
CA LEU A 46 -25.39 8.74 -2.07
C LEU A 46 -26.01 10.15 -2.12
N ASN A 47 -25.17 11.15 -2.30
CA ASN A 47 -25.62 12.52 -2.53
C ASN A 47 -26.35 12.64 -3.86
N GLU A 48 -27.31 13.57 -3.91
CA GLU A 48 -28.13 13.79 -5.11
C GLU A 48 -27.30 14.17 -6.33
N GLY A 49 -27.60 13.52 -7.46
CA GLY A 49 -26.95 13.82 -8.74
C GLY A 49 -25.50 13.40 -8.84
N VAL A 50 -25.09 12.46 -8.00
CA VAL A 50 -23.72 11.95 -8.02
C VAL A 50 -23.64 10.61 -8.76
N VAL A 51 -22.95 10.63 -9.90
CA VAL A 51 -22.76 9.45 -10.72
C VAL A 51 -21.47 8.76 -10.28
N LEU A 52 -21.60 7.53 -9.83
CA LEU A 52 -20.48 6.77 -9.25
C LEU A 52 -19.34 6.53 -10.23
N ASP A 53 -19.69 6.29 -11.49
CA ASP A 53 -18.72 6.05 -12.56
C ASP A 53 -17.78 7.23 -12.77
N GLU A 54 -18.30 8.44 -12.63
CA GLU A 54 -17.54 9.68 -12.81
C GLU A 54 -16.50 9.93 -11.73
N VAL A 55 -16.85 9.59 -10.48
CA VAL A 55 -15.99 9.86 -9.32
C VAL A 55 -14.79 8.93 -9.26
N ILE A 56 -15.02 7.65 -9.57
CA ILE A 56 -13.98 6.63 -9.60
C ILE A 56 -12.72 7.10 -10.34
N PHE A 57 -12.92 7.66 -11.54
CA PHE A 57 -11.82 8.04 -12.42
C PHE A 57 -11.54 9.54 -12.39
N SER A 58 -12.02 10.23 -11.35
CA SER A 58 -11.75 11.65 -11.19
C SER A 58 -10.32 11.88 -10.71
N LYS A 59 -9.72 10.83 -10.14
CA LYS A 59 -8.32 10.85 -9.70
C LYS A 59 -7.34 11.02 -10.86
N HIS A 60 -7.74 10.54 -12.04
CA HIS A 60 -6.97 10.72 -13.26
C HIS A 60 -7.07 12.16 -13.75
N LYS A 61 -6.12 13.00 -13.34
CA LYS A 61 -6.12 14.41 -13.70
C LYS A 61 -4.96 14.80 -14.62
N GLY A 62 -4.32 13.82 -15.24
CA GLY A 62 -3.24 14.07 -16.18
C GLY A 62 -1.92 13.38 -15.86
N ASP A 63 -1.18 13.07 -16.92
CA ASP A 63 0.15 12.49 -16.80
C ASP A 63 1.18 13.60 -16.99
N THR A 64 1.56 14.20 -15.87
CA THR A 64 2.50 15.33 -15.84
C THR A 64 3.83 14.99 -16.49
N LYS A 65 4.28 15.89 -17.37
CA LYS A 65 5.53 15.69 -18.10
C LYS A 65 6.66 16.47 -17.44
N MET A 66 7.83 15.85 -17.37
CA MET A 66 9.00 16.47 -16.77
C MET A 66 9.95 16.98 -17.85
N SER A 67 10.62 18.09 -17.56
CA SER A 67 11.68 18.62 -18.41
C SER A 67 12.90 17.70 -18.38
N ALA A 68 13.83 17.93 -19.31
CA ALA A 68 15.06 17.14 -19.38
C ALA A 68 15.88 17.24 -18.09
N GLU A 69 15.94 18.44 -17.52
CA GLU A 69 16.70 18.70 -16.30
C GLU A 69 16.13 18.01 -15.07
N ASP A 70 14.80 18.03 -14.94
CA ASP A 70 14.12 17.33 -13.86
C ASP A 70 14.23 15.81 -14.01
N LYS A 71 14.23 15.34 -15.26
CA LYS A 71 14.44 13.93 -15.57
C LYS A 71 15.85 13.46 -15.25
N ALA A 72 16.84 14.31 -15.52
CA ALA A 72 18.24 14.00 -15.23
C ALA A 72 18.52 14.06 -13.73
N LEU A 73 17.88 15.00 -13.05
CA LEU A 73 17.91 15.07 -11.59
C LEU A 73 17.22 13.85 -10.99
N PHE A 74 16.06 13.48 -11.54
CA PHE A 74 15.34 12.30 -11.05
C PHE A 74 16.15 11.04 -11.24
N ARG A 75 16.77 10.89 -12.42
CA ARG A 75 17.62 9.74 -12.71
C ARG A 75 18.73 9.63 -11.68
N ARG A 76 19.31 10.78 -11.35
CA ARG A 76 20.38 10.89 -10.38
C ARG A 76 19.91 10.40 -9.00
N CYS A 77 18.72 10.81 -8.60
CA CYS A 77 18.15 10.43 -7.31
C CYS A 77 17.75 8.96 -7.25
N ALA A 78 17.23 8.45 -8.37
CA ALA A 78 16.83 7.06 -8.47
C ALA A 78 18.05 6.15 -8.45
N ALA A 79 19.15 6.61 -9.05
CA ALA A 79 20.42 5.89 -9.04
C ALA A 79 21.05 5.88 -7.65
N ASP A 80 20.95 7.01 -6.95
CA ASP A 80 21.50 7.15 -5.60
C ASP A 80 20.77 6.29 -4.59
N TYR A 81 19.44 6.28 -4.67
CA TYR A 81 18.63 5.42 -3.82
C TYR A 81 18.83 3.95 -4.18
N ALA A 82 18.94 3.67 -5.48
CA ALA A 82 19.18 2.29 -5.96
C ALA A 82 20.51 1.77 -5.43
N SER A 83 21.50 2.66 -5.35
CA SER A 83 22.82 2.31 -4.83
C SER A 83 22.74 1.85 -3.38
N ARG A 84 22.12 2.66 -2.54
CA ARG A 84 21.90 2.32 -1.13
C ARG A 84 21.08 1.04 -0.97
N LEU A 85 20.00 0.95 -1.74
CA LEU A 85 19.10 -0.20 -1.69
C LEU A 85 19.81 -1.51 -2.01
N HIS A 86 20.51 -1.55 -3.14
CA HIS A 86 21.20 -2.77 -3.56
C HIS A 86 22.47 -3.05 -2.76
N SER A 87 23.05 -2.00 -2.19
CA SER A 87 24.18 -2.15 -1.29
C SER A 87 23.78 -2.96 -0.05
N VAL A 88 22.58 -2.71 0.45
CA VAL A 88 22.05 -3.37 1.64
C VAL A 88 21.51 -4.76 1.31
N LEU A 89 20.75 -4.86 0.23
CA LEU A 89 20.09 -6.12 -0.13
C LEU A 89 21.02 -7.13 -0.80
N GLY A 90 22.11 -6.64 -1.39
CA GLY A 90 22.96 -7.48 -2.23
C GLY A 90 22.43 -7.47 -3.66
N THR A 91 22.99 -8.32 -4.51
CA THR A 91 22.59 -8.36 -5.92
C THR A 91 22.20 -9.76 -6.40
N ALA A 92 21.74 -10.60 -5.48
CA ALA A 92 21.16 -11.89 -5.83
C ALA A 92 19.71 -11.68 -6.23
N ASN A 93 19.52 -11.24 -7.49
CA ASN A 93 18.19 -10.89 -7.98
C ASN A 93 17.77 -11.68 -9.22
N ALA A 94 18.45 -12.79 -9.45
CA ALA A 94 18.14 -13.70 -10.55
C ALA A 94 16.69 -14.19 -10.48
N PRO A 95 16.08 -14.46 -11.65
CA PRO A 95 14.68 -14.90 -11.69
C PRO A 95 14.34 -16.04 -10.74
N LEU A 96 13.19 -15.94 -10.10
CA LEU A 96 12.63 -17.03 -9.33
C LEU A 96 12.04 -18.08 -10.27
N SER A 97 12.18 -19.35 -9.90
CA SER A 97 11.51 -20.44 -10.61
C SER A 97 9.99 -20.31 -10.51
N ILE A 98 9.28 -20.95 -11.44
CA ILE A 98 7.82 -20.99 -11.40
C ILE A 98 7.31 -21.45 -10.03
N TYR A 99 7.87 -22.55 -9.54
CA TYR A 99 7.54 -23.12 -8.23
C TYR A 99 7.68 -22.11 -7.10
N GLU A 100 8.80 -21.39 -7.08
CA GLU A 100 9.11 -20.43 -6.04
C GLU A 100 8.22 -19.18 -6.11
N ALA A 101 7.83 -18.81 -7.32
CA ALA A 101 6.99 -17.63 -7.53
C ALA A 101 5.56 -17.89 -7.09
N ILE A 102 5.14 -19.16 -7.12
CA ILE A 102 3.80 -19.55 -6.69
C ILE A 102 3.75 -19.76 -5.17
N LYS A 103 4.70 -20.55 -4.67
CA LYS A 103 4.74 -20.95 -3.25
C LYS A 103 5.43 -19.93 -2.35
N GLY A 104 6.13 -18.98 -2.95
CA GLY A 104 6.90 -17.99 -2.20
C GLY A 104 8.19 -18.55 -1.65
N VAL A 105 8.97 -17.69 -0.98
CA VAL A 105 10.18 -18.10 -0.28
C VAL A 105 10.19 -17.44 1.10
N ASP A 106 11.34 -17.46 1.78
CA ASP A 106 11.50 -16.75 3.04
C ASP A 106 11.47 -15.24 2.77
N GLY A 107 10.44 -14.58 3.28
CA GLY A 107 10.23 -13.15 3.06
C GLY A 107 9.07 -12.85 2.13
N LEU A 108 8.76 -13.78 1.24
CA LEU A 108 7.69 -13.63 0.27
C LEU A 108 6.62 -14.70 0.47
N ASP A 109 5.40 -14.28 0.84
CA ASP A 109 4.30 -15.22 1.01
C ASP A 109 3.85 -15.78 -0.34
N ALA A 110 3.25 -16.98 -0.29
CA ALA A 110 2.72 -17.63 -1.49
C ALA A 110 1.61 -16.81 -2.15
N MET A 111 1.42 -17.03 -3.45
CA MET A 111 0.28 -16.46 -4.15
C MET A 111 -1.02 -17.03 -3.59
N GLU A 112 -2.03 -16.18 -3.47
CA GLU A 112 -3.35 -16.62 -3.01
C GLU A 112 -3.98 -17.55 -4.04
N PRO A 113 -4.35 -18.77 -3.62
CA PRO A 113 -4.83 -19.82 -4.53
C PRO A 113 -6.21 -19.55 -5.14
N ASP A 114 -7.04 -18.75 -4.48
CA ASP A 114 -8.41 -18.53 -4.95
C ASP A 114 -8.88 -17.07 -4.97
N THR A 115 -7.97 -16.16 -5.33
CA THR A 115 -8.35 -14.78 -5.60
C THR A 115 -8.75 -14.62 -7.07
N ALA A 116 -9.09 -13.41 -7.48
CA ALA A 116 -9.50 -13.14 -8.86
C ALA A 116 -8.35 -13.42 -9.83
N PRO A 117 -8.67 -14.05 -10.98
CA PRO A 117 -7.66 -14.37 -11.99
C PRO A 117 -7.35 -13.22 -12.94
N GLY A 118 -8.25 -12.23 -13.02
CA GLY A 118 -8.10 -11.12 -13.95
C GLY A 118 -8.63 -11.45 -15.32
N LEU A 119 -8.19 -10.69 -16.32
CA LEU A 119 -8.65 -10.88 -17.70
C LEU A 119 -7.64 -11.67 -18.55
N PRO A 120 -8.13 -12.41 -19.57
CA PRO A 120 -9.53 -12.54 -19.97
C PRO A 120 -10.26 -13.68 -19.28
N TRP A 121 -9.62 -14.28 -18.28
CA TRP A 121 -10.13 -15.47 -17.58
C TRP A 121 -11.46 -15.23 -16.86
N ALA A 122 -11.70 -13.99 -16.46
CA ALA A 122 -12.95 -13.60 -15.81
C ALA A 122 -14.15 -13.74 -16.76
N LEU A 123 -13.88 -13.57 -18.06
CA LEU A 123 -14.90 -13.71 -19.09
C LEU A 123 -15.09 -15.17 -19.53
N GLN A 124 -14.40 -16.09 -18.85
CA GLN A 124 -14.47 -17.52 -19.15
C GLN A 124 -14.98 -18.33 -17.95
N GLY A 125 -15.24 -17.66 -16.83
CA GLY A 125 -15.73 -18.30 -15.61
C GLY A 125 -14.71 -19.18 -14.92
N LYS A 126 -13.43 -18.92 -15.18
CA LYS A 126 -12.34 -19.71 -14.62
C LYS A 126 -11.80 -19.11 -13.33
N ARG A 127 -11.51 -19.97 -12.35
CA ARG A 127 -10.81 -19.56 -11.13
C ARG A 127 -9.31 -19.70 -11.37
N ARG A 128 -8.52 -19.23 -10.40
CA ARG A 128 -7.07 -19.37 -10.43
C ARG A 128 -6.61 -20.82 -10.43
N GLY A 129 -7.35 -21.67 -9.73
CA GLY A 129 -7.05 -23.10 -9.64
C GLY A 129 -7.28 -23.88 -10.93
N ALA A 130 -7.87 -23.21 -11.93
CA ALA A 130 -8.06 -23.80 -13.24
C ALA A 130 -6.88 -23.50 -14.16
N LEU A 131 -6.17 -22.43 -13.86
CA LEU A 131 -5.02 -22.00 -14.67
C LEU A 131 -3.69 -22.44 -14.08
N ILE A 132 -3.62 -22.49 -12.76
CA ILE A 132 -2.38 -22.76 -12.04
C ILE A 132 -2.59 -23.77 -10.92
N ASP A 133 -1.67 -24.74 -10.84
CA ASP A 133 -1.62 -25.69 -9.75
C ASP A 133 -0.82 -25.09 -8.60
N PHE A 134 -1.52 -24.68 -7.54
CA PHE A 134 -0.90 -24.01 -6.40
C PHE A 134 -0.23 -24.98 -5.41
N GLU A 135 -0.71 -26.22 -5.37
CA GLU A 135 -0.12 -27.25 -4.53
C GLU A 135 1.21 -27.73 -5.12
N ASN A 136 1.18 -28.12 -6.39
CA ASN A 136 2.36 -28.58 -7.10
C ASN A 136 3.34 -27.47 -7.46
N GLY A 137 2.83 -26.24 -7.60
CA GLY A 137 3.64 -25.11 -8.04
C GLY A 137 3.95 -25.17 -9.53
N THR A 138 2.94 -25.53 -10.32
CA THR A 138 3.07 -25.62 -11.78
C THR A 138 1.92 -24.88 -12.46
N VAL A 139 2.10 -24.56 -13.74
CA VAL A 139 1.08 -23.85 -14.51
C VAL A 139 0.56 -24.69 -15.68
N GLY A 140 -0.65 -24.37 -16.13
CA GLY A 140 -1.25 -25.04 -17.28
C GLY A 140 -0.84 -24.43 -18.61
N PRO A 141 -1.48 -24.88 -19.71
CA PRO A 141 -1.14 -24.45 -21.07
C PRO A 141 -1.36 -22.96 -21.33
N GLU A 142 -2.46 -22.42 -20.80
CA GLU A 142 -2.83 -21.02 -21.01
C GLU A 142 -1.78 -20.05 -20.46
N VAL A 143 -1.39 -20.27 -19.20
CA VAL A 143 -0.38 -19.45 -18.53
C VAL A 143 1.00 -19.64 -19.18
N GLU A 144 1.33 -20.88 -19.54
CA GLU A 144 2.62 -21.19 -20.15
C GLU A 144 2.80 -20.52 -21.52
N ALA A 145 1.71 -20.42 -22.27
CA ALA A 145 1.71 -19.71 -23.55
C ALA A 145 1.86 -18.21 -23.32
N ALA A 146 1.31 -17.72 -22.21
CA ALA A 146 1.40 -16.31 -21.85
C ALA A 146 2.81 -15.97 -21.33
N LEU A 147 3.44 -16.92 -20.65
CA LEU A 147 4.82 -16.77 -20.18
C LEU A 147 5.80 -16.70 -21.35
N LYS A 148 5.47 -17.44 -22.41
CA LYS A 148 6.21 -17.44 -23.67
C LYS A 148 6.15 -16.07 -24.34
N LEU A 149 4.98 -15.44 -24.29
CA LEU A 149 4.79 -14.10 -24.86
C LEU A 149 5.49 -13.02 -24.03
N MET A 150 5.57 -13.24 -22.72
CA MET A 150 6.25 -12.33 -21.81
C MET A 150 7.77 -12.44 -21.93
N GLU A 151 8.25 -13.64 -22.23
CA GLU A 151 9.66 -13.85 -22.57
C GLU A 151 10.01 -13.07 -23.83
N LYS A 152 9.12 -13.13 -24.82
CA LYS A 152 9.31 -12.46 -26.11
C LYS A 152 8.98 -10.96 -26.07
N ARG A 153 8.48 -10.50 -24.93
CA ARG A 153 8.08 -9.09 -24.73
C ARG A 153 6.88 -8.66 -25.60
N GLU A 154 6.11 -9.63 -26.09
CA GLU A 154 4.99 -9.34 -26.97
C GLU A 154 3.63 -9.40 -26.25
N TYR A 155 3.68 -9.59 -24.93
CA TYR A 155 2.48 -9.78 -24.12
C TYR A 155 1.63 -8.51 -23.96
N LYS A 156 0.34 -8.66 -24.24
CA LYS A 156 -0.65 -7.59 -24.06
C LYS A 156 -1.69 -8.01 -23.03
N PHE A 157 -2.19 -7.05 -22.26
CA PHE A 157 -3.19 -7.34 -21.23
C PHE A 157 -4.09 -6.15 -20.93
N ALA A 158 -5.20 -6.42 -20.24
CA ALA A 158 -6.06 -5.39 -19.69
C ALA A 158 -6.21 -5.59 -18.18
N CYS A 159 -6.56 -4.52 -17.46
CA CYS A 159 -6.82 -4.62 -16.03
C CYS A 159 -8.31 -4.67 -15.77
N GLN A 160 -8.72 -5.53 -14.85
CA GLN A 160 -10.12 -5.63 -14.46
C GLN A 160 -10.38 -4.70 -13.28
N THR A 161 -11.27 -3.73 -13.49
CA THR A 161 -11.63 -2.78 -12.44
C THR A 161 -12.63 -3.42 -11.46
N PHE A 162 -12.28 -3.37 -10.18
CA PHE A 162 -13.12 -3.88 -9.09
C PHE A 162 -13.39 -2.76 -8.11
N LEU A 163 -14.64 -2.61 -7.69
CA LEU A 163 -15.00 -1.66 -6.65
C LEU A 163 -14.62 -2.23 -5.29
N LYS A 164 -13.84 -1.47 -4.52
CA LYS A 164 -13.33 -1.93 -3.25
C LYS A 164 -14.39 -1.88 -2.14
N ASP A 165 -14.91 -3.05 -1.80
CA ASP A 165 -15.89 -3.20 -0.73
C ASP A 165 -15.20 -3.08 0.63
N GLU A 166 -15.31 -1.90 1.24
CA GLU A 166 -14.59 -1.59 2.47
C GLU A 166 -15.29 -0.54 3.32
N ILE A 167 -14.94 -0.51 4.60
CA ILE A 167 -15.40 0.52 5.52
C ILE A 167 -14.72 1.86 5.19
N ARG A 168 -15.53 2.90 5.04
CA ARG A 168 -15.03 4.22 4.70
C ARG A 168 -15.76 5.28 5.49
N PRO A 169 -15.11 6.43 5.75
CA PRO A 169 -15.83 7.55 6.37
C PRO A 169 -17.06 7.93 5.56
N MET A 170 -18.18 8.15 6.25
CA MET A 170 -19.47 8.42 5.62
C MET A 170 -19.48 9.64 4.70
N GLU A 171 -18.54 10.55 4.92
CA GLU A 171 -18.33 11.69 4.03
C GLU A 171 -17.90 11.22 2.65
N LYS A 172 -16.92 10.33 2.60
CA LYS A 172 -16.41 9.80 1.34
C LYS A 172 -17.38 8.80 0.71
N VAL A 173 -18.18 8.15 1.55
CA VAL A 173 -19.26 7.28 1.10
C VAL A 173 -20.34 8.14 0.40
N ARG A 174 -20.66 9.27 1.02
CA ARG A 174 -21.64 10.22 0.47
C ARG A 174 -21.12 10.95 -0.76
N ALA A 175 -19.81 11.15 -0.82
CA ALA A 175 -19.16 11.80 -1.97
C ALA A 175 -18.95 10.82 -3.12
N GLY A 176 -19.28 9.55 -2.89
CA GLY A 176 -19.09 8.50 -3.89
C GLY A 176 -17.64 8.19 -4.19
N LYS A 177 -16.76 8.50 -3.23
CA LYS A 177 -15.31 8.31 -3.40
C LYS A 177 -14.90 6.87 -3.07
N THR A 178 -15.53 5.93 -3.75
CA THR A 178 -15.18 4.52 -3.65
C THR A 178 -13.85 4.29 -4.35
N ARG A 179 -12.91 3.68 -3.62
CA ARG A 179 -11.63 3.30 -4.19
C ARG A 179 -11.80 2.06 -5.07
N ILE A 180 -10.90 1.88 -6.02
CA ILE A 180 -10.99 0.75 -6.95
C ILE A 180 -9.72 -0.08 -6.99
N VAL A 181 -9.89 -1.38 -7.21
CA VAL A 181 -8.77 -2.29 -7.38
C VAL A 181 -8.62 -2.67 -8.85
N ASP A 182 -7.42 -2.43 -9.39
CA ASP A 182 -7.09 -2.84 -10.75
C ASP A 182 -6.58 -4.28 -10.71
N VAL A 183 -7.48 -5.23 -10.93
CA VAL A 183 -7.12 -6.64 -10.92
C VAL A 183 -6.37 -6.99 -12.20
N LEU A 184 -5.09 -7.36 -12.03
CA LEU A 184 -4.26 -7.78 -13.16
C LEU A 184 -4.38 -9.27 -13.41
N PRO A 185 -4.11 -9.72 -14.65
CA PRO A 185 -4.11 -11.15 -14.95
C PRO A 185 -3.14 -11.94 -14.07
N VAL A 186 -3.48 -13.18 -13.75
CA VAL A 186 -2.72 -14.01 -12.82
C VAL A 186 -1.31 -14.38 -13.33
N GLU A 187 -1.16 -14.46 -14.64
CA GLU A 187 0.14 -14.73 -15.26
C GLU A 187 1.09 -13.55 -15.12
N HIS A 188 0.53 -12.34 -15.13
CA HIS A 188 1.30 -11.11 -15.00
C HIS A 188 1.93 -11.04 -13.61
N ILE A 189 1.12 -11.30 -12.60
CA ILE A 189 1.56 -11.33 -11.21
C ILE A 189 2.61 -12.41 -11.01
N LEU A 190 2.40 -13.56 -11.66
CA LEU A 190 3.35 -14.65 -11.64
C LEU A 190 4.72 -14.23 -12.20
N TYR A 191 4.71 -13.66 -13.40
CA TYR A 191 5.95 -13.25 -14.08
C TYR A 191 6.68 -12.12 -13.34
N THR A 192 5.93 -11.13 -12.84
CA THR A 192 6.51 -10.07 -12.03
C THR A 192 7.20 -10.66 -10.79
N ARG A 193 6.55 -11.62 -10.15
CA ARG A 193 7.13 -12.36 -9.02
C ARG A 193 8.37 -13.16 -9.42
N MET A 194 8.39 -13.67 -10.64
CA MET A 194 9.56 -14.36 -11.16
C MET A 194 10.72 -13.38 -11.40
N MET A 195 10.39 -12.21 -11.93
CA MET A 195 11.40 -11.21 -12.27
C MET A 195 11.99 -10.49 -11.06
N ILE A 196 11.14 -10.19 -10.07
CA ILE A 196 11.59 -9.35 -8.94
C ILE A 196 11.22 -9.89 -7.55
N GLY A 197 10.81 -11.16 -7.48
CA GLY A 197 10.37 -11.78 -6.23
C GLY A 197 11.46 -11.92 -5.18
N ARG A 198 12.68 -12.19 -5.62
CA ARG A 198 13.81 -12.34 -4.70
C ARG A 198 14.17 -10.98 -4.11
N PHE A 199 14.17 -9.97 -4.97
CA PHE A 199 14.36 -8.59 -4.55
C PHE A 199 13.31 -8.18 -3.52
N CYS A 200 12.04 -8.46 -3.83
CA CYS A 200 10.93 -8.19 -2.92
C CYS A 200 11.07 -8.91 -1.58
N ALA A 201 11.59 -10.14 -1.64
CA ALA A 201 11.84 -10.93 -0.43
C ALA A 201 12.90 -10.27 0.44
N GLN A 202 13.97 -9.81 -0.19
CA GLN A 202 15.08 -9.16 0.52
C GLN A 202 14.65 -7.83 1.13
N MET A 203 13.77 -7.10 0.44
CA MET A 203 13.22 -5.86 0.97
C MET A 203 12.44 -6.08 2.26
N HIS A 204 11.49 -7.01 2.23
CA HIS A 204 10.73 -7.39 3.43
C HIS A 204 11.65 -7.74 4.60
N SER A 205 12.63 -8.60 4.33
CA SER A 205 13.61 -9.03 5.34
C SER A 205 14.38 -7.87 5.94
N ASN A 206 14.73 -6.88 5.11
CA ASN A 206 15.57 -5.76 5.53
C ASN A 206 14.79 -4.47 5.74
N ASN A 207 13.54 -4.57 6.15
CA ASN A 207 12.72 -3.38 6.40
C ASN A 207 13.27 -2.53 7.54
N GLY A 208 13.06 -1.22 7.44
CA GLY A 208 13.65 -0.26 8.36
C GLY A 208 14.04 1.01 7.60
N PRO A 209 14.44 2.06 8.35
CA PRO A 209 14.76 3.37 7.74
C PRO A 209 16.00 3.35 6.84
N GLN A 210 16.90 2.39 7.07
CA GLN A 210 18.10 2.24 6.26
C GLN A 210 17.78 2.16 4.77
N ILE A 211 16.74 1.40 4.42
CA ILE A 211 16.25 1.34 3.04
C ILE A 211 14.96 2.14 2.84
N GLY A 212 14.48 2.76 3.92
CA GLY A 212 13.28 3.61 3.88
C GLY A 212 11.98 2.89 3.61
N SER A 213 11.89 1.63 4.05
CA SER A 213 10.74 0.78 3.74
C SER A 213 10.23 0.01 4.95
N ALA A 214 8.93 0.08 5.17
CA ALA A 214 8.26 -0.65 6.25
C ALA A 214 7.48 -1.83 5.69
N VAL A 215 7.63 -2.10 4.40
CA VAL A 215 6.97 -3.24 3.78
C VAL A 215 7.60 -4.54 4.32
N GLY A 216 6.78 -5.37 4.95
CA GLY A 216 7.25 -6.58 5.60
C GLY A 216 7.30 -6.49 7.12
N CYS A 217 6.99 -5.30 7.65
CA CYS A 217 7.10 -5.05 9.09
C CYS A 217 5.92 -5.62 9.88
N ASN A 218 6.17 -5.86 11.17
CA ASN A 218 5.14 -6.22 12.13
C ASN A 218 5.08 -5.11 13.18
N PRO A 219 4.08 -4.22 13.07
CA PRO A 219 4.01 -3.03 13.93
C PRO A 219 4.05 -3.32 15.42
N ASP A 220 3.61 -4.51 15.83
CA ASP A 220 3.68 -4.95 17.23
C ASP A 220 5.10 -4.94 17.79
N VAL A 221 6.07 -5.39 17.01
CA VAL A 221 7.45 -5.47 17.48
C VAL A 221 8.34 -4.36 16.90
N ASP A 222 7.99 -3.88 15.71
CA ASP A 222 8.83 -2.92 14.98
C ASP A 222 8.58 -1.46 15.35
N TRP A 223 7.48 -1.19 16.05
CA TRP A 223 7.22 0.16 16.55
C TRP A 223 8.29 0.64 17.52
N GLN A 224 8.88 -0.30 18.24
CA GLN A 224 10.01 -0.03 19.12
C GLN A 224 11.23 0.37 18.31
N ARG A 225 11.52 -0.40 17.27
CA ARG A 225 12.67 -0.15 16.41
C ARG A 225 12.54 1.18 15.66
N PHE A 226 11.37 1.44 15.08
CA PHE A 226 11.11 2.70 14.37
C PHE A 226 11.00 3.88 15.34
N GLY A 227 10.27 3.66 16.43
CA GLY A 227 10.02 4.70 17.45
C GLY A 227 11.27 5.32 18.01
N THR A 228 12.22 4.49 18.43
CA THR A 228 13.47 4.95 19.01
C THR A 228 14.33 5.69 17.98
N HIS A 229 14.27 5.22 16.74
CA HIS A 229 14.99 5.84 15.63
C HIS A 229 14.56 7.30 15.42
N PHE A 230 13.27 7.51 15.13
CA PHE A 230 12.77 8.85 14.78
C PHE A 230 12.73 9.87 15.92
N ALA A 231 12.70 9.38 17.17
CA ALA A 231 12.72 10.26 18.35
C ALA A 231 14.09 10.89 18.51
N GLN A 232 15.09 10.23 17.93
CA GLN A 232 16.48 10.67 17.94
C GLN A 232 16.72 11.96 17.13
N TYR A 233 15.69 12.41 16.40
CA TYR A 233 15.80 13.55 15.48
C TYR A 233 15.03 14.78 15.93
N ARG A 234 15.53 15.96 15.55
CA ARG A 234 14.97 17.25 15.95
C ARG A 234 13.58 17.50 15.38
N ASN A 235 13.38 17.18 14.11
CA ASN A 235 12.11 17.41 13.41
C ASN A 235 11.56 16.13 12.80
N VAL A 236 10.25 15.94 12.90
CA VAL A 236 9.55 14.82 12.27
C VAL A 236 8.33 15.36 11.51
N TRP A 237 8.13 14.90 10.28
CA TRP A 237 7.00 15.32 9.46
C TRP A 237 6.07 14.17 9.13
N ASP A 238 4.77 14.42 9.21
CA ASP A 238 3.73 13.49 8.75
C ASP A 238 3.20 14.02 7.42
N VAL A 239 3.81 13.57 6.33
CA VAL A 239 3.47 14.03 4.98
C VAL A 239 2.35 13.18 4.38
N ASP A 240 1.30 13.86 3.92
CA ASP A 240 0.19 13.21 3.24
C ASP A 240 0.21 13.49 1.74
N TYR A 241 -0.17 12.47 0.97
CA TYR A 241 -0.34 12.59 -0.46
C TYR A 241 -1.82 12.49 -0.79
N SER A 242 -2.19 12.97 -1.98
CA SER A 242 -3.54 12.75 -2.51
C SER A 242 -3.41 12.00 -3.84
N ALA A 243 -4.09 10.86 -3.93
CA ALA A 243 -3.99 9.96 -5.07
C ALA A 243 -2.55 9.73 -5.51
N PHE A 244 -1.71 9.32 -4.56
CA PHE A 244 -0.31 8.98 -4.78
C PHE A 244 -0.15 7.94 -5.89
N ASP A 245 -0.98 6.90 -5.86
CA ASP A 245 -0.96 5.81 -6.83
C ASP A 245 -1.19 6.28 -8.27
N ALA A 246 -2.21 7.11 -8.46
CA ALA A 246 -2.65 7.53 -9.79
C ALA A 246 -1.76 8.62 -10.40
N ASN A 247 -1.12 9.40 -9.55
CA ASN A 247 -0.36 10.59 -9.99
C ASN A 247 1.13 10.35 -10.25
N HIS A 248 1.55 9.08 -10.23
CA HIS A 248 2.90 8.72 -10.67
C HIS A 248 3.00 8.99 -12.16
N CYS A 249 3.87 9.92 -12.53
CA CYS A 249 4.00 10.29 -13.94
C CYS A 249 4.86 9.28 -14.70
N SER A 250 4.54 9.09 -15.98
CA SER A 250 5.24 8.13 -16.82
C SER A 250 6.75 8.35 -16.84
N ASP A 251 7.17 9.61 -16.80
CA ASP A 251 8.58 9.97 -16.73
C ASP A 251 9.25 9.38 -15.48
N ALA A 252 8.66 9.61 -14.31
CA ALA A 252 9.22 9.12 -13.05
C ALA A 252 9.23 7.60 -12.94
N MET A 253 8.13 6.96 -13.33
CA MET A 253 8.02 5.50 -13.30
C MET A 253 9.08 4.85 -14.19
N ASN A 254 9.16 5.29 -15.44
CA ASN A 254 10.09 4.74 -16.42
C ASN A 254 11.55 4.86 -16.01
N ILE A 255 11.93 6.02 -15.49
CA ILE A 255 13.30 6.25 -15.04
C ILE A 255 13.62 5.40 -13.81
N MET A 256 12.69 5.34 -12.87
CA MET A 256 12.83 4.52 -11.66
C MET A 256 13.10 3.05 -12.02
N PHE A 257 12.29 2.49 -12.92
CA PHE A 257 12.45 1.11 -13.35
C PHE A 257 13.79 0.89 -14.03
N GLU A 258 14.22 1.88 -14.80
CA GLU A 258 15.50 1.85 -15.51
C GLU A 258 16.70 1.93 -14.57
N GLU A 259 16.54 2.63 -13.45
CA GLU A 259 17.64 2.82 -12.53
C GLU A 259 17.75 1.76 -11.43
N VAL A 260 16.61 1.29 -10.95
CA VAL A 260 16.59 0.33 -9.84
C VAL A 260 16.74 -1.12 -10.31
N PHE A 261 16.19 -1.45 -11.47
CA PHE A 261 16.12 -2.85 -11.89
C PHE A 261 17.08 -3.20 -13.04
N ARG A 262 18.22 -2.54 -13.04
CA ARG A 262 19.26 -2.76 -14.06
C ARG A 262 19.82 -4.17 -13.96
N THR A 263 20.27 -4.70 -15.09
CA THR A 263 20.86 -6.04 -15.13
C THR A 263 22.18 -6.13 -14.36
N GLU A 264 22.87 -5.00 -14.20
CA GLU A 264 24.10 -4.93 -13.40
C GLU A 264 23.84 -5.15 -11.90
N PHE A 265 22.59 -4.97 -11.49
CA PHE A 265 22.15 -5.26 -10.12
C PHE A 265 21.65 -6.70 -9.97
N GLY A 266 21.91 -7.55 -10.97
CA GLY A 266 21.56 -8.96 -10.92
C GLY A 266 20.24 -9.35 -11.58
N PHE A 267 19.46 -8.36 -12.02
CA PHE A 267 18.15 -8.61 -12.60
C PHE A 267 18.22 -9.20 -14.02
N HIS A 268 17.21 -9.99 -14.37
CA HIS A 268 16.97 -10.45 -15.73
C HIS A 268 16.52 -9.24 -16.56
N PRO A 269 16.93 -9.16 -17.85
CA PRO A 269 16.53 -8.05 -18.73
C PRO A 269 15.02 -7.74 -18.75
N ASN A 270 14.18 -8.71 -18.38
CA ASN A 270 12.74 -8.55 -18.45
C ASN A 270 12.09 -7.95 -17.20
N ALA A 271 12.86 -7.78 -16.14
CA ALA A 271 12.37 -7.16 -14.91
C ALA A 271 11.94 -5.73 -15.22
N GLU A 272 12.82 -4.98 -15.86
CA GLU A 272 12.52 -3.63 -16.32
C GLU A 272 11.30 -3.61 -17.26
N TRP A 273 11.22 -4.61 -18.15
CA TRP A 273 10.14 -4.66 -19.13
C TRP A 273 8.77 -4.87 -18.50
N ILE A 274 8.64 -5.91 -17.66
CA ILE A 274 7.36 -6.25 -17.05
C ILE A 274 6.79 -5.10 -16.22
N LEU A 275 7.67 -4.39 -15.52
CA LEU A 275 7.28 -3.24 -14.72
C LEU A 275 6.85 -2.07 -15.59
N LYS A 276 7.50 -1.92 -16.75
CA LYS A 276 7.17 -0.85 -17.69
C LYS A 276 5.78 -1.00 -18.32
N THR A 277 5.26 -2.24 -18.35
CA THR A 277 3.92 -2.50 -18.88
C THR A 277 2.84 -1.94 -17.94
N LEU A 278 3.26 -1.48 -16.77
CA LEU A 278 2.33 -0.91 -15.79
C LEU A 278 2.08 0.58 -16.03
N VAL A 279 2.92 1.20 -16.86
CA VAL A 279 2.82 2.63 -17.14
C VAL A 279 1.61 2.96 -18.02
N ASN A 280 1.53 2.31 -19.17
CA ASN A 280 0.42 2.53 -20.11
C ASN A 280 -0.52 1.34 -20.06
N THR A 281 -1.73 1.58 -19.58
CA THR A 281 -2.66 0.50 -19.24
C THR A 281 -4.04 0.67 -19.85
N GLU A 282 -4.68 -0.46 -20.10
CA GLU A 282 -6.07 -0.51 -20.54
C GLU A 282 -6.89 -1.11 -19.40
N HIS A 283 -7.97 -0.43 -19.03
CA HIS A 283 -8.83 -0.87 -17.93
C HIS A 283 -10.24 -1.19 -18.43
N ALA A 284 -10.76 -2.32 -17.98
CA ALA A 284 -12.10 -2.76 -18.34
C ALA A 284 -13.07 -2.54 -17.19
N TYR A 285 -13.97 -1.56 -17.35
CA TYR A 285 -15.00 -1.29 -16.35
C TYR A 285 -16.38 -1.36 -17.00
N GLU A 286 -17.12 -2.42 -16.67
CA GLU A 286 -18.41 -2.73 -17.31
C GLU A 286 -18.35 -2.66 -18.84
N ASN A 287 -19.16 -1.77 -19.42
CA ASN A 287 -19.25 -1.61 -20.87
C ASN A 287 -18.08 -0.84 -21.49
N LYS A 288 -17.34 -0.13 -20.65
CA LYS A 288 -16.30 0.78 -21.12
C LYS A 288 -14.87 0.25 -20.96
N ARG A 289 -14.06 0.48 -22.00
CA ARG A 289 -12.63 0.21 -21.95
C ARG A 289 -11.90 1.54 -21.93
N ILE A 290 -11.13 1.77 -20.87
CA ILE A 290 -10.47 3.05 -20.64
C ILE A 290 -8.95 2.89 -20.69
N THR A 291 -8.31 3.60 -21.62
CA THR A 291 -6.86 3.59 -21.78
C THR A 291 -6.24 4.75 -21.01
N VAL A 292 -5.27 4.43 -20.15
CA VAL A 292 -4.65 5.41 -19.25
C VAL A 292 -3.13 5.46 -19.45
N GLU A 293 -2.57 6.67 -19.38
CA GLU A 293 -1.12 6.86 -19.41
C GLU A 293 -0.63 7.42 -18.08
N GLY A 294 0.23 6.66 -17.40
CA GLY A 294 0.71 7.03 -16.07
C GLY A 294 -0.03 6.31 -14.95
N GLY A 295 0.48 6.45 -13.73
CA GLY A 295 -0.14 5.85 -12.56
C GLY A 295 0.13 4.36 -12.44
N ILE A 296 -0.05 3.84 -11.22
CA ILE A 296 0.20 2.44 -10.93
C ILE A 296 -1.10 1.66 -10.68
N PRO A 297 -1.27 0.51 -11.36
CA PRO A 297 -2.39 -0.37 -11.03
C PRO A 297 -2.20 -1.03 -9.66
N SER A 298 -3.27 -1.15 -8.90
CA SER A 298 -3.19 -1.62 -7.51
C SER A 298 -3.03 -3.13 -7.37
N GLY A 299 -3.54 -3.87 -8.34
CA GLY A 299 -3.50 -5.33 -8.30
C GLY A 299 -2.20 -5.91 -8.80
N CYS A 300 -1.27 -5.02 -9.17
CA CYS A 300 0.06 -5.43 -9.62
C CYS A 300 0.82 -6.10 -8.47
N SER A 301 1.66 -7.06 -8.81
CA SER A 301 2.62 -7.59 -7.87
C SER A 301 3.62 -6.48 -7.54
N ALA A 302 3.97 -6.37 -6.26
CA ALA A 302 4.98 -5.40 -5.81
C ALA A 302 4.54 -3.93 -5.91
N THR A 303 3.23 -3.71 -5.99
CA THR A 303 2.68 -2.36 -6.05
C THR A 303 3.06 -1.51 -4.84
N SER A 304 3.11 -2.13 -3.65
CA SER A 304 3.52 -1.46 -2.42
C SER A 304 5.00 -1.12 -2.42
N ILE A 305 5.81 -2.00 -2.98
CA ILE A 305 7.26 -1.83 -3.03
C ILE A 305 7.64 -0.76 -4.06
N ILE A 306 6.99 -0.82 -5.22
CA ILE A 306 7.15 0.21 -6.25
C ILE A 306 6.78 1.59 -5.71
N ASN A 307 5.65 1.66 -5.01
CA ASN A 307 5.21 2.92 -4.37
C ASN A 307 6.19 3.42 -3.31
N THR A 308 6.70 2.49 -2.50
CA THR A 308 7.68 2.78 -1.46
C THR A 308 8.96 3.31 -2.06
N ILE A 309 9.48 2.60 -3.07
CA ILE A 309 10.68 3.01 -3.79
C ILE A 309 10.52 4.42 -4.34
N LEU A 310 9.41 4.67 -5.03
CA LEU A 310 9.11 5.99 -5.61
C LEU A 310 9.06 7.09 -4.55
N ASN A 311 8.41 6.78 -3.42
CA ASN A 311 8.31 7.70 -2.29
C ASN A 311 9.68 8.16 -1.79
N ASN A 312 10.60 7.21 -1.68
CA ASN A 312 11.97 7.49 -1.28
C ASN A 312 12.67 8.43 -2.25
N ILE A 313 12.48 8.17 -3.54
CA ILE A 313 13.12 8.95 -4.59
C ILE A 313 12.51 10.35 -4.71
N TYR A 314 11.20 10.44 -4.52
CA TYR A 314 10.48 11.72 -4.56
C TYR A 314 11.04 12.72 -3.55
N VAL A 315 11.18 12.27 -2.29
CA VAL A 315 11.65 13.11 -1.19
C VAL A 315 13.08 13.58 -1.45
N LEU A 316 13.94 12.68 -1.96
CA LEU A 316 15.31 13.04 -2.33
C LEU A 316 15.33 14.05 -3.47
N TYR A 317 14.50 13.81 -4.48
CA TYR A 317 14.36 14.69 -5.63
C TYR A 317 13.89 16.09 -5.24
N ALA A 318 12.85 16.15 -4.41
CA ALA A 318 12.28 17.43 -3.97
C ALA A 318 13.30 18.27 -3.24
N LEU A 319 13.95 17.69 -2.23
CA LEU A 319 14.97 18.39 -1.44
C LEU A 319 16.15 18.88 -2.28
N ARG A 320 16.61 18.04 -3.21
CA ARG A 320 17.72 18.39 -4.10
C ARG A 320 17.36 19.47 -5.12
N ARG A 321 16.05 19.61 -5.39
CA ARG A 321 15.57 20.62 -6.32
C ARG A 321 15.51 22.00 -5.64
N HIS A 322 15.38 21.99 -4.31
CA HIS A 322 15.28 23.22 -3.53
C HIS A 322 16.60 23.59 -2.83
N TYR A 323 17.30 22.59 -2.32
CA TYR A 323 18.57 22.83 -1.62
C TYR A 323 19.77 22.27 -2.40
N GLU A 324 20.95 22.77 -2.05
CA GLU A 324 22.22 22.24 -2.54
C GLU A 324 22.83 21.33 -1.49
N GLY A 325 23.62 20.36 -1.93
CA GLY A 325 24.33 19.44 -1.04
C GLY A 325 23.46 18.44 -0.28
N VAL A 326 22.25 18.19 -0.79
CA VAL A 326 21.36 17.24 -0.14
C VAL A 326 21.72 15.80 -0.51
N GLU A 327 22.04 14.99 0.50
CA GLU A 327 22.37 13.59 0.31
C GLU A 327 21.39 12.69 1.07
N LEU A 328 21.65 11.38 1.05
CA LEU A 328 20.80 10.42 1.75
C LEU A 328 20.97 10.48 3.27
N ASP A 329 22.08 11.04 3.74
CA ASP A 329 22.31 11.18 5.18
C ASP A 329 21.70 12.47 5.74
N THR A 330 21.27 13.36 4.85
CA THR A 330 20.68 14.66 5.24
C THR A 330 19.40 14.48 6.04
N TYR A 331 18.72 13.36 5.80
CA TYR A 331 17.45 13.06 6.44
C TYR A 331 17.32 11.56 6.62
N THR A 332 16.25 11.16 7.30
CA THR A 332 15.87 9.75 7.39
C THR A 332 14.36 9.64 7.13
N MET A 333 13.95 8.53 6.55
CA MET A 333 12.52 8.29 6.31
C MET A 333 12.15 6.82 6.27
N ILE A 334 10.91 6.53 6.67
CA ILE A 334 10.29 5.24 6.47
C ILE A 334 9.00 5.45 5.69
N SER A 335 8.73 4.55 4.74
CA SER A 335 7.44 4.58 4.06
C SER A 335 6.83 3.20 3.87
N TYR A 336 5.54 3.19 3.58
CA TYR A 336 4.82 1.99 3.19
C TYR A 336 3.83 2.42 2.13
N GLY A 337 4.20 2.28 0.87
CA GLY A 337 3.42 2.82 -0.23
C GLY A 337 3.38 4.34 -0.15
N ASP A 338 2.17 4.89 -0.03
CA ASP A 338 1.98 6.34 0.08
C ASP A 338 2.24 6.86 1.49
N ASP A 339 2.14 5.98 2.48
CA ASP A 339 2.31 6.36 3.87
C ASP A 339 3.79 6.63 4.15
N ILE A 340 4.08 7.75 4.80
CA ILE A 340 5.45 8.25 4.96
C ILE A 340 5.68 9.00 6.27
N VAL A 341 6.80 8.70 6.93
CA VAL A 341 7.31 9.48 8.05
C VAL A 341 8.72 9.97 7.68
N VAL A 342 8.91 11.29 7.66
CA VAL A 342 10.22 11.88 7.38
C VAL A 342 10.78 12.57 8.63
N ALA A 343 12.10 12.53 8.78
CA ALA A 343 12.77 13.20 9.89
C ALA A 343 14.14 13.76 9.49
N SER A 344 14.60 14.77 10.24
CA SER A 344 15.91 15.38 10.03
C SER A 344 16.26 16.38 11.14
N ASP A 345 17.55 16.57 11.37
CA ASP A 345 18.04 17.59 12.32
C ASP A 345 18.09 18.97 11.67
N TYR A 346 18.08 19.00 10.35
CA TYR A 346 17.98 20.25 9.61
C TYR A 346 16.54 20.74 9.64
N ASP A 347 16.37 22.04 9.90
CA ASP A 347 15.05 22.65 9.91
C ASP A 347 14.52 22.82 8.48
N LEU A 348 14.21 21.69 7.84
CA LEU A 348 13.78 21.68 6.44
C LEU A 348 12.40 22.29 6.25
N ASP A 349 12.20 22.94 5.11
CA ASP A 349 10.94 23.61 4.81
C ASP A 349 10.10 22.81 3.81
N PHE A 350 9.18 22.00 4.34
CA PHE A 350 8.32 21.15 3.50
C PHE A 350 7.21 21.93 2.80
N GLU A 351 6.88 23.11 3.33
CA GLU A 351 5.91 24.00 2.70
C GLU A 351 6.46 24.53 1.37
N ALA A 352 7.75 24.83 1.36
CA ALA A 352 8.44 25.29 0.15
C ALA A 352 8.65 24.15 -0.85
N LEU A 353 8.60 22.91 -0.36
CA LEU A 353 8.79 21.74 -1.22
C LEU A 353 7.56 21.37 -2.04
N LYS A 354 6.41 21.92 -1.68
CA LYS A 354 5.14 21.63 -2.36
C LYS A 354 5.23 21.68 -3.90
N PRO A 355 5.70 22.81 -4.47
CA PRO A 355 5.83 22.88 -5.94
C PRO A 355 6.82 21.86 -6.53
N HIS A 356 7.83 21.48 -5.76
CA HIS A 356 8.83 20.52 -6.23
C HIS A 356 8.27 19.09 -6.33
N PHE A 357 7.28 18.78 -5.49
CA PHE A 357 6.51 17.56 -5.64
C PHE A 357 5.50 17.69 -6.79
N LYS A 358 5.02 18.91 -7.02
CA LYS A 358 4.09 19.19 -8.13
C LYS A 358 4.71 18.99 -9.49
N SER A 359 6.03 19.16 -9.58
CA SER A 359 6.78 18.88 -10.81
C SER A 359 6.79 17.39 -11.16
N LEU A 360 6.45 16.55 -10.18
CA LEU A 360 6.23 15.13 -10.39
C LEU A 360 4.74 14.81 -10.47
N GLY A 361 3.92 15.82 -10.21
CA GLY A 361 2.46 15.67 -10.24
C GLY A 361 1.88 15.23 -8.91
N GLN A 362 2.69 15.32 -7.85
CA GLN A 362 2.25 14.94 -6.51
C GLN A 362 1.88 16.15 -5.67
N THR A 363 0.80 16.01 -4.91
CA THR A 363 0.35 17.06 -3.99
C THR A 363 0.59 16.61 -2.55
N ILE A 364 1.55 17.27 -1.90
CA ILE A 364 1.82 17.01 -0.48
C ILE A 364 1.08 18.00 0.42
N THR A 365 0.45 17.47 1.47
CA THR A 365 -0.28 18.26 2.45
C THR A 365 0.07 17.75 3.84
N PRO A 366 -0.06 18.62 4.87
CA PRO A 366 0.20 18.14 6.23
C PRO A 366 -0.87 17.17 6.71
N ALA A 367 -0.44 16.09 7.37
CA ALA A 367 -1.37 15.17 8.00
C ALA A 367 -1.92 15.79 9.27
N ASP A 368 -1.08 16.54 9.98
CA ASP A 368 -1.48 17.22 11.22
C ASP A 368 -2.65 18.18 10.99
N LYS A 369 -3.84 17.59 10.93
CA LYS A 369 -5.09 18.26 10.54
C LYS A 369 -4.97 19.04 9.22
N SER A 370 -5.87 19.99 9.00
CA SER A 370 -5.79 20.91 7.87
C SER A 370 -5.05 22.18 8.31
N ASP A 371 -4.03 21.99 9.15
CA ASP A 371 -3.26 23.08 9.73
C ASP A 371 -2.49 23.87 8.67
N LYS A 372 -2.30 25.17 8.94
CA LYS A 372 -1.71 26.10 7.97
C LYS A 372 -0.24 25.77 7.71
N GLY A 373 0.00 24.84 6.78
CA GLY A 373 1.34 24.49 6.34
C GLY A 373 2.10 23.55 7.26
N PHE A 374 3.25 23.09 6.79
CA PHE A 374 4.13 22.23 7.58
C PHE A 374 4.87 23.05 8.62
N VAL A 375 4.95 22.53 9.84
CA VAL A 375 5.67 23.19 10.93
C VAL A 375 6.77 22.29 11.50
N LEU A 376 7.75 22.91 12.15
CA LEU A 376 8.89 22.21 12.72
C LEU A 376 8.62 21.76 14.17
N GLY A 377 9.58 21.06 14.76
CA GLY A 377 9.54 20.69 16.17
C GLY A 377 8.78 19.42 16.51
N HIS A 378 7.84 19.04 15.63
CA HIS A 378 7.03 17.85 15.85
C HIS A 378 7.89 16.59 15.98
N SER A 379 7.53 15.75 16.95
CA SER A 379 8.24 14.49 17.19
C SER A 379 7.45 13.30 16.69
N ILE A 380 7.97 12.10 16.92
CA ILE A 380 7.34 10.86 16.47
C ILE A 380 6.06 10.54 17.27
N THR A 381 5.98 11.04 18.50
CA THR A 381 4.78 10.87 19.34
C THR A 381 3.60 11.74 18.88
N ASP A 382 3.77 12.44 17.76
CA ASP A 382 2.74 13.31 17.20
C ASP A 382 2.19 12.78 15.87
N VAL A 383 2.93 11.88 15.24
CA VAL A 383 2.62 11.43 13.88
C VAL A 383 1.82 10.12 13.82
N THR A 384 1.24 9.85 12.66
CA THR A 384 0.50 8.63 12.40
C THR A 384 1.10 7.90 11.21
N PHE A 385 1.48 6.65 11.45
CA PHE A 385 2.02 5.78 10.40
C PHE A 385 1.25 4.46 10.40
N LEU A 386 0.71 4.09 9.25
CA LEU A 386 -0.14 2.91 9.07
C LEU A 386 -1.34 2.93 10.03
N LYS A 387 -2.00 4.08 10.09
CA LYS A 387 -3.13 4.33 11.01
C LYS A 387 -2.81 4.02 12.48
N ARG A 388 -1.54 4.16 12.85
CA ARG A 388 -1.08 3.88 14.21
C ARG A 388 -0.23 5.02 14.74
N HIS A 389 -0.51 5.42 15.99
CA HIS A 389 0.31 6.38 16.70
C HIS A 389 1.49 5.68 17.36
N PHE A 390 2.51 6.44 17.72
CA PHE A 390 3.65 5.93 18.47
C PHE A 390 3.50 6.39 19.92
N HIS A 391 3.13 5.46 20.79
CA HIS A 391 2.87 5.75 22.19
C HIS A 391 3.75 4.91 23.10
N MET A 392 4.29 5.55 24.13
CA MET A 392 5.13 4.87 25.12
C MET A 392 4.28 4.02 26.06
N ASP A 393 4.66 2.74 26.22
CA ASP A 393 3.97 1.84 27.14
C ASP A 393 4.46 2.07 28.57
N TYR A 394 3.56 2.60 29.38
CA TYR A 394 3.76 2.88 30.81
C TYR A 394 4.65 1.88 31.55
N GLY A 395 4.39 0.60 31.36
CA GLY A 395 5.04 -0.46 32.13
C GLY A 395 6.38 -0.91 31.60
N THR A 396 6.43 -1.26 30.32
CA THR A 396 7.63 -1.81 29.70
C THR A 396 8.64 -0.73 29.28
N GLY A 397 8.14 0.44 28.92
CA GLY A 397 8.98 1.51 28.40
C GLY A 397 9.28 1.34 26.92
N PHE A 398 8.39 0.64 26.21
CA PHE A 398 8.53 0.41 24.78
C PHE A 398 7.45 1.15 24.00
N TYR A 399 7.76 1.52 22.76
CA TYR A 399 6.77 2.09 21.85
C TYR A 399 5.76 1.01 21.44
N LYS A 400 4.49 1.40 21.37
CA LYS A 400 3.42 0.51 20.94
C LYS A 400 2.55 1.19 19.88
N PRO A 401 2.02 0.39 18.92
CA PRO A 401 1.16 0.95 17.89
C PRO A 401 -0.27 1.15 18.37
N VAL A 402 -0.69 2.41 18.49
CA VAL A 402 -2.01 2.74 19.02
C VAL A 402 -2.91 3.33 17.94
N MET A 403 -4.00 2.64 17.65
CA MET A 403 -5.00 3.13 16.71
C MET A 403 -6.03 4.01 17.43
N ALA A 404 -6.56 4.99 16.72
CA ALA A 404 -7.61 5.85 17.26
C ALA A 404 -8.83 5.01 17.60
N SER A 405 -9.50 5.37 18.69
CA SER A 405 -10.69 4.66 19.15
C SER A 405 -11.85 4.79 18.16
N LYS A 406 -11.92 5.92 17.46
CA LYS A 406 -12.96 6.12 16.44
C LYS A 406 -12.82 5.12 15.30
N THR A 407 -11.57 4.82 14.92
CA THR A 407 -11.26 3.84 13.87
C THR A 407 -11.57 2.42 14.34
N LEU A 408 -11.15 2.10 15.56
CA LEU A 408 -11.40 0.78 16.16
C LEU A 408 -12.90 0.52 16.32
N GLU A 409 -13.66 1.55 16.68
CA GLU A 409 -15.11 1.47 16.71
C GLU A 409 -15.67 1.17 15.33
N ALA A 410 -15.15 1.88 14.32
CA ALA A 410 -15.56 1.70 12.93
C ALA A 410 -15.32 0.28 12.46
N ILE A 411 -14.12 -0.23 12.73
CA ILE A 411 -13.72 -1.58 12.37
C ILE A 411 -14.63 -2.62 13.04
N LEU A 412 -14.88 -2.43 14.34
CA LEU A 412 -15.73 -3.35 15.10
C LEU A 412 -17.22 -3.26 14.77
N SER A 413 -17.63 -2.16 14.12
CA SER A 413 -19.05 -1.92 13.82
C SER A 413 -19.58 -2.71 12.62
N PHE A 414 -18.66 -3.22 11.80
CA PHE A 414 -19.03 -3.97 10.60
C PHE A 414 -18.25 -5.27 10.47
N ALA A 415 -18.90 -6.30 9.95
CA ALA A 415 -18.24 -7.58 9.66
C ALA A 415 -18.95 -8.35 8.54
N ARG A 416 -18.17 -9.12 7.78
CA ARG A 416 -18.71 -10.08 6.82
C ARG A 416 -19.42 -11.20 7.57
N ARG A 417 -20.62 -11.55 7.10
CA ARG A 417 -21.46 -12.57 7.76
C ARG A 417 -20.67 -13.84 8.10
N GLY A 418 -20.67 -14.19 9.38
CA GLY A 418 -20.02 -15.41 9.86
C GLY A 418 -18.56 -15.29 10.25
N THR A 419 -17.96 -14.13 9.99
CA THR A 419 -16.53 -13.91 10.28
C THR A 419 -16.32 -13.09 11.56
N ILE A 420 -17.43 -12.77 12.22
CA ILE A 420 -17.45 -11.86 13.37
C ILE A 420 -16.59 -12.31 14.56
N GLN A 421 -16.68 -13.60 14.91
CA GLN A 421 -15.89 -14.15 16.01
C GLN A 421 -14.40 -14.05 15.72
N GLU A 422 -14.01 -14.42 14.49
CA GLU A 422 -12.61 -14.37 14.07
C GLU A 422 -12.12 -12.93 13.99
N LYS A 423 -12.96 -12.03 13.49
CA LYS A 423 -12.62 -10.61 13.39
C LYS A 423 -12.30 -10.01 14.77
N LEU A 424 -13.14 -10.34 15.76
CA LEU A 424 -12.96 -9.86 17.13
C LEU A 424 -11.60 -10.20 17.73
N ILE A 425 -11.10 -11.41 17.43
CA ILE A 425 -9.83 -11.89 17.97
C ILE A 425 -8.63 -11.16 17.36
N SER A 426 -8.68 -10.93 16.05
CA SER A 426 -7.62 -10.19 15.36
C SER A 426 -7.60 -8.71 15.76
N VAL A 427 -8.78 -8.10 15.85
CA VAL A 427 -8.91 -6.68 16.23
C VAL A 427 -8.50 -6.47 17.69
N ALA A 428 -8.70 -7.47 18.53
CA ALA A 428 -8.24 -7.44 19.91
C ALA A 428 -6.72 -7.23 19.96
N GLY A 429 -6.01 -7.89 19.04
CA GLY A 429 -4.57 -7.72 18.89
C GLY A 429 -4.16 -6.30 18.53
N LEU A 430 -5.11 -5.54 17.96
CA LEU A 430 -4.91 -4.13 17.66
C LEU A 430 -5.33 -3.24 18.83
N ALA A 431 -6.43 -3.63 19.48
CA ALA A 431 -7.04 -2.82 20.54
C ALA A 431 -6.31 -2.89 21.89
N VAL A 432 -5.49 -3.92 22.07
CA VAL A 432 -4.74 -4.12 23.33
C VAL A 432 -3.88 -2.90 23.72
N HIS A 433 -3.40 -2.17 22.72
CA HIS A 433 -2.51 -1.03 22.96
C HIS A 433 -3.24 0.25 23.37
N SER A 434 -4.56 0.25 23.26
CA SER A 434 -5.36 1.42 23.65
C SER A 434 -5.52 1.53 25.17
N GLY A 435 -5.12 0.49 25.89
CA GLY A 435 -5.21 0.46 27.35
C GLY A 435 -6.31 -0.47 27.85
N PRO A 436 -6.26 -0.83 29.14
CA PRO A 436 -7.22 -1.78 29.71
C PRO A 436 -8.65 -1.28 29.68
N ASP A 437 -8.84 0.00 29.99
CA ASP A 437 -10.17 0.60 30.06
C ASP A 437 -10.83 0.72 28.68
N GLU A 438 -10.08 1.26 27.72
CA GLU A 438 -10.59 1.46 26.35
C GLU A 438 -10.81 0.12 25.63
N TYR A 439 -9.93 -0.85 25.91
CA TYR A 439 -10.11 -2.22 25.46
C TYR A 439 -11.44 -2.80 25.94
N ARG A 440 -11.72 -2.64 27.23
CA ARG A 440 -12.97 -3.09 27.85
C ARG A 440 -14.19 -2.46 27.19
N ARG A 441 -14.10 -1.16 26.92
CA ARG A 441 -15.18 -0.38 26.33
C ARG A 441 -15.46 -0.78 24.88
N LEU A 442 -14.41 -1.00 24.10
CA LEU A 442 -14.56 -1.36 22.69
C LEU A 442 -15.26 -2.69 22.48
N PHE A 443 -15.06 -3.63 23.39
CA PHE A 443 -15.64 -4.96 23.28
C PHE A 443 -16.88 -5.16 24.15
N GLU A 444 -17.29 -4.11 24.85
CA GLU A 444 -18.44 -4.15 25.75
C GLU A 444 -19.75 -4.62 25.09
N PRO A 445 -20.03 -4.20 23.83
CA PRO A 445 -21.24 -4.69 23.17
C PRO A 445 -21.17 -6.16 22.76
N PHE A 446 -20.00 -6.78 22.90
CA PHE A 446 -19.80 -8.17 22.47
C PHE A 446 -19.83 -9.19 23.62
N GLN A 447 -19.80 -8.70 24.86
CA GLN A 447 -19.70 -9.56 26.05
C GLN A 447 -20.91 -10.48 26.21
N GLY A 448 -20.65 -11.77 26.38
CA GLY A 448 -21.69 -12.78 26.52
C GLY A 448 -22.07 -13.41 25.19
N LEU A 449 -21.93 -12.66 24.11
CA LEU A 449 -22.28 -13.12 22.77
C LEU A 449 -21.10 -13.82 22.07
N PHE A 450 -19.89 -13.37 22.37
CA PHE A 450 -18.68 -13.94 21.75
C PHE A 450 -17.54 -14.15 22.74
N GLU A 451 -16.50 -14.84 22.28
CA GLU A 451 -15.26 -14.98 23.02
C GLU A 451 -14.40 -13.73 22.82
N ILE A 452 -14.18 -12.99 23.89
CA ILE A 452 -13.32 -11.81 23.86
C ILE A 452 -12.05 -12.09 24.66
N PRO A 453 -10.89 -12.14 23.96
CA PRO A 453 -9.61 -12.33 24.65
C PRO A 453 -9.45 -11.33 25.80
N SER A 454 -8.97 -11.82 26.94
CA SER A 454 -8.72 -10.95 28.09
C SER A 454 -7.59 -9.99 27.77
N TYR A 455 -7.63 -8.80 28.38
CA TYR A 455 -6.57 -7.82 28.20
C TYR A 455 -5.20 -8.39 28.60
N ARG A 456 -5.19 -9.14 29.70
CA ARG A 456 -3.97 -9.71 30.25
C ARG A 456 -3.26 -10.65 29.28
N SER A 457 -4.03 -11.47 28.56
CA SER A 457 -3.46 -12.49 27.68
C SER A 457 -2.76 -11.91 26.46
N LEU A 458 -3.28 -10.80 25.94
CA LEU A 458 -2.69 -10.17 24.78
C LEU A 458 -1.56 -9.21 25.13
N TYR A 459 -1.58 -8.68 26.36
CA TYR A 459 -0.51 -7.82 26.83
C TYR A 459 0.76 -8.61 27.09
N LEU A 460 0.62 -9.78 27.72
CA LEU A 460 1.76 -10.65 27.94
C LEU A 460 2.31 -11.23 26.63
N ARG A 461 1.39 -11.46 25.67
CA ARG A 461 1.78 -11.89 24.33
C ARG A 461 2.58 -10.81 23.61
N TRP A 462 2.13 -9.58 23.73
CA TRP A 462 2.82 -8.45 23.09
C TRP A 462 4.19 -8.19 23.71
N VAL A 463 4.28 -8.29 25.03
CA VAL A 463 5.55 -8.08 25.73
C VAL A 463 6.62 -9.04 25.22
N ASN A 464 6.29 -10.33 25.14
CA ASN A 464 7.20 -11.32 24.58
C ASN A 464 7.52 -11.09 23.10
N ALA A 465 6.53 -10.62 22.36
CA ALA A 465 6.70 -10.35 20.93
C ALA A 465 7.75 -9.26 20.67
N VAL A 466 7.64 -8.13 21.37
CA VAL A 466 8.53 -6.99 21.17
C VAL A 466 9.96 -7.27 21.66
N CYS A 467 10.07 -8.12 22.68
CA CYS A 467 11.37 -8.54 23.24
C CYS A 467 11.19 -9.74 24.17
N GLY A 468 12.01 -10.76 23.98
CA GLY A 468 11.99 -11.93 24.87
C GLY A 468 12.54 -11.61 26.26
N ASP A 469 13.31 -10.52 26.35
CA ASP A 469 14.03 -10.14 27.56
C ASP A 469 13.14 -9.61 28.69
N ALA A 470 12.37 -8.56 28.41
CA ALA A 470 11.50 -7.93 29.41
C ALA A 470 10.41 -8.86 29.94
N ALA A 471 10.00 -9.81 29.11
CA ALA A 471 9.07 -10.87 29.52
C ALA A 471 9.70 -11.74 30.60
N ALA A 472 10.96 -12.12 30.40
CA ALA A 472 11.71 -12.92 31.36
C ALA A 472 12.17 -12.08 32.56
N LEU A 473 12.43 -10.80 32.32
CA LEU A 473 12.80 -9.85 33.38
C LEU A 473 11.67 -9.67 34.39
N ALA A 474 10.43 -9.82 33.93
CA ALA A 474 9.26 -9.80 34.80
C ALA A 474 9.24 -10.96 35.79
N HIS A 475 10.13 -11.94 35.56
CA HIS A 475 10.32 -13.07 36.46
C HIS A 475 11.69 -12.98 37.14
MG MG D . 0.45 9.65 7.36
MG MG E . -1.43 -13.55 -5.43
#